data_1XPJ
#
_entry.id   1XPJ
#
_cell.length_a   77.729
_cell.length_b   52.888
_cell.length_c   72.215
_cell.angle_alpha   90.00
_cell.angle_beta   90.20
_cell.angle_gamma   90.00
#
_symmetry.space_group_name_H-M   'P 1 21 1'
#
loop_
_entity.id
_entity.type
_entity.pdbx_description
1 polymer 'hypothetical protein'
2 non-polymer 'MERCURY (II) ION'
3 non-polymer 'L(+)-TARTARIC ACID'
4 water water
#
_entity_poly.entity_id   1
_entity_poly.type   'polypeptide(L)'
_entity_poly.pdbx_seq_one_letter_code
;MKKLIVDLDGTLTQANTSDYRNVLPRLDVIEQLREYHQLGFEIVISTARNMRTYEGNVGKINIHTLPIITEWLDKHQVPY
DEILVGKPWCGHDGFYIDDRAVRPSEFASMNLEEIHQLFEKEKSCS
;
_entity_poly.pdbx_strand_id   A,B,C,D
#
loop_
_chem_comp.id
_chem_comp.type
_chem_comp.name
_chem_comp.formula
HG non-polymer 'MERCURY (II) ION' 'Hg 2'
TLA non-polymer 'L(+)-TARTARIC ACID' 'C4 H6 O6'
#
# COMPACT_ATOMS: atom_id res chain seq x y z
N MET A 1 -3.21 -7.80 -21.95
CA MET A 1 -2.45 -7.07 -20.90
C MET A 1 -1.39 -7.98 -20.27
N LYS A 2 -0.13 -7.61 -20.49
CA LYS A 2 1.01 -8.41 -20.07
C LYS A 2 2.08 -7.50 -19.49
N LYS A 3 2.60 -7.88 -18.33
CA LYS A 3 3.56 -7.10 -17.58
C LYS A 3 4.78 -7.93 -17.17
N LEU A 4 5.95 -7.31 -17.23
CA LEU A 4 7.09 -7.81 -16.50
C LEU A 4 7.16 -7.02 -15.21
N ILE A 5 7.26 -7.76 -14.11
CA ILE A 5 7.53 -7.19 -12.80
C ILE A 5 9.00 -7.42 -12.49
N VAL A 6 9.76 -6.33 -12.46
CA VAL A 6 11.22 -6.39 -12.45
C VAL A 6 11.80 -5.78 -11.18
N ASP A 7 12.56 -6.59 -10.44
CA ASP A 7 13.30 -6.13 -9.27
C ASP A 7 14.39 -5.15 -9.75
N LEU A 8 14.95 -4.36 -8.83
CA LEU A 8 15.90 -3.34 -9.26
C LEU A 8 17.34 -3.74 -8.92
N ASP A 9 17.65 -3.82 -7.62
CA ASP A 9 19.00 -4.13 -7.15
C ASP A 9 19.35 -5.60 -7.34
N GLY A 10 20.39 -5.87 -8.14
CA GLY A 10 20.82 -7.22 -8.42
C GLY A 10 20.22 -7.77 -9.71
N THR A 11 19.17 -7.13 -10.20
CA THR A 11 18.51 -7.55 -11.44
C THR A 11 18.86 -6.58 -12.55
N LEU A 12 18.61 -5.30 -12.30
CA LEU A 12 19.01 -4.27 -13.25
C LEU A 12 20.39 -3.69 -12.90
N THR A 13 20.89 -3.98 -11.69
CA THR A 13 22.18 -3.49 -11.21
C THR A 13 23.14 -4.62 -10.83
N GLN A 14 24.44 -4.33 -10.90
CA GLN A 14 25.47 -5.28 -10.52
C GLN A 14 25.72 -5.26 -9.01
N ALA A 15 25.01 -4.38 -8.32
CA ALA A 15 25.13 -4.24 -6.87
C ALA A 15 26.58 -4.13 -6.38
N ASN A 16 27.41 -3.40 -7.10
CA ASN A 16 28.83 -3.28 -6.78
C ASN A 16 29.14 -2.23 -5.70
N THR A 17 28.17 -1.36 -5.43
CA THR A 17 28.40 -0.23 -4.52
C THR A 17 27.14 0.18 -3.75
N SER A 18 27.35 0.77 -2.57
CA SER A 18 26.23 1.23 -1.74
C SER A 18 25.64 2.54 -2.25
N ASP A 19 26.45 3.30 -3.00
CA ASP A 19 26.00 4.52 -3.67
C ASP A 19 25.07 4.17 -4.84
N TYR A 20 23.75 4.24 -4.62
CA TYR A 20 22.78 3.92 -5.68
C TYR A 20 22.84 4.81 -6.94
N ARG A 21 23.18 6.09 -6.79
CA ARG A 21 23.46 7.02 -7.87
C ARG A 21 24.41 6.44 -8.91
N ASN A 22 25.47 5.78 -8.44
CA ASN A 22 26.59 5.38 -9.27
C ASN A 22 26.77 3.87 -9.45
N VAL A 23 25.68 3.16 -9.11
CA VAL A 23 25.83 1.70 -9.31
C VAL A 23 25.84 1.25 -10.84
N LEU A 24 26.67 0.21 -11.16
CA LEU A 24 26.77 -0.24 -12.53
C LEU A 24 25.54 -1.08 -12.96
N PRO A 25 25.19 -0.71 -14.20
CA PRO A 25 24.13 -1.44 -14.94
C PRO A 25 24.53 -2.89 -15.39
N ARG A 26 23.54 -3.79 -15.28
CA ARG A 26 23.50 -5.08 -15.98
C ARG A 26 22.89 -4.91 -17.35
N LEU A 27 23.81 -4.66 -18.28
CA LEU A 27 23.47 -4.28 -19.66
C LEU A 27 22.71 -5.34 -20.46
N ASP A 28 23.08 -6.60 -20.31
CA ASP A 28 22.36 -7.70 -20.99
C ASP A 28 20.89 -7.77 -20.51
N VAL A 29 20.66 -7.61 -19.21
CA VAL A 29 19.31 -7.68 -18.64
C VAL A 29 18.45 -6.53 -19.16
N ILE A 30 18.97 -5.31 -19.08
CA ILE A 30 18.28 -4.12 -19.59
C ILE A 30 17.95 -4.21 -21.09
N GLU A 31 18.91 -4.67 -21.89
CA GLU A 31 18.69 -4.86 -23.33
C GLU A 31 17.54 -5.83 -23.59
N GLN A 32 17.46 -6.89 -22.77
CA GLN A 32 16.36 -7.81 -22.89
C GLN A 32 15.00 -7.15 -22.54
N LEU A 33 15.00 -6.25 -21.55
CA LEU A 33 13.80 -5.46 -21.22
C LEU A 33 13.32 -4.67 -22.44
N ARG A 34 14.24 -4.11 -23.20
CA ARG A 34 13.92 -3.37 -24.43
C ARG A 34 13.22 -4.24 -25.49
N GLU A 35 13.69 -5.47 -25.65
CA GLU A 35 13.12 -6.40 -26.62
C GLU A 35 11.70 -6.80 -26.22
N TYR A 36 11.49 -7.03 -24.93
CA TYR A 36 10.15 -7.34 -24.41
C TYR A 36 9.20 -6.15 -24.52
N HIS A 37 9.70 -4.94 -24.26
CA HIS A 37 8.90 -3.74 -24.51
C HIS A 37 8.44 -3.68 -25.98
N GLN A 38 9.31 -4.09 -26.91
CA GLN A 38 8.96 -4.15 -28.32
C GLN A 38 7.84 -5.15 -28.62
N LEU A 39 7.78 -6.20 -27.81
CA LEU A 39 6.73 -7.21 -27.95
C LEU A 39 5.39 -6.80 -27.32
N GLY A 40 5.31 -5.59 -26.77
CA GLY A 40 4.09 -5.12 -26.15
C GLY A 40 3.97 -5.28 -24.64
N PHE A 41 5.01 -5.79 -23.98
CA PHE A 41 5.03 -5.96 -22.52
C PHE A 41 5.23 -4.62 -21.82
N GLU A 42 4.45 -4.37 -20.77
CA GLU A 42 4.64 -3.24 -19.89
C GLU A 42 5.70 -3.57 -18.86
N ILE A 43 6.56 -2.60 -18.51
CA ILE A 43 7.64 -2.86 -17.58
C ILE A 43 7.39 -2.18 -16.23
N VAL A 44 7.31 -2.99 -15.16
CA VAL A 44 7.08 -2.45 -13.82
C VAL A 44 8.30 -2.69 -12.94
N ILE A 45 8.99 -1.63 -12.54
CA ILE A 45 10.08 -1.75 -11.61
C ILE A 45 9.47 -1.78 -10.20
N SER A 46 9.78 -2.85 -9.45
CA SER A 46 9.21 -3.08 -8.13
C SER A 46 10.39 -3.33 -7.22
N THR A 47 10.54 -2.58 -6.15
CA THR A 47 11.77 -2.68 -5.36
C THR A 47 11.55 -2.51 -3.87
N ALA A 48 12.31 -3.27 -3.09
CA ALA A 48 12.38 -3.13 -1.63
C ALA A 48 13.45 -2.13 -1.14
N ARG A 49 14.08 -1.42 -2.08
CA ARG A 49 15.19 -0.51 -1.75
C ARG A 49 14.83 0.47 -0.65
N ASN A 50 15.71 0.58 0.35
CA ASN A 50 15.53 1.43 1.52
C ASN A 50 14.41 1.06 2.52
N MET A 51 13.82 -0.13 2.33
CA MET A 51 12.89 -0.67 3.31
C MET A 51 13.61 -1.00 4.61
N ARG A 52 14.85 -1.49 4.51
CA ARG A 52 15.65 -1.77 5.70
C ARG A 52 15.98 -0.44 6.40
N THR A 53 16.68 0.44 5.70
CA THR A 53 17.04 1.78 6.20
C THR A 53 15.91 2.54 6.88
N TYR A 54 14.75 2.60 6.25
CA TYR A 54 13.66 3.41 6.82
C TYR A 54 12.66 2.59 7.63
N GLU A 55 13.00 1.32 7.87
CA GLU A 55 12.17 0.40 8.66
C GLU A 55 10.73 0.30 8.14
N GLY A 56 10.59 0.21 6.83
CA GLY A 56 9.28 0.05 6.21
C GLY A 56 8.49 1.34 5.92
N ASN A 57 9.07 2.48 6.28
CA ASN A 57 8.43 3.76 6.06
C ASN A 57 8.49 4.22 4.59
N VAL A 58 7.45 3.89 3.82
CA VAL A 58 7.35 4.40 2.44
C VAL A 58 7.19 5.94 2.35
N GLY A 59 6.70 6.56 3.43
CA GLY A 59 6.68 8.02 3.50
C GLY A 59 8.05 8.65 3.30
N LYS A 60 9.08 8.05 3.90
CA LYS A 60 10.48 8.45 3.72
C LYS A 60 11.04 7.95 2.39
N ILE A 61 10.75 6.71 2.03
CA ILE A 61 11.19 6.13 0.76
C ILE A 61 10.74 6.99 -0.43
N ASN A 62 9.50 7.47 -0.40
CA ASN A 62 8.98 8.41 -1.42
C ASN A 62 9.84 9.68 -1.57
N ILE A 63 10.50 10.10 -0.48
CA ILE A 63 11.28 11.35 -0.48
C ILE A 63 12.71 11.11 -0.90
N HIS A 64 13.33 10.11 -0.27
CA HIS A 64 14.78 9.96 -0.39
C HIS A 64 15.21 8.95 -1.43
N THR A 65 14.34 7.96 -1.70
CA THR A 65 14.70 6.83 -2.56
C THR A 65 14.22 6.97 -4.01
N LEU A 66 12.96 7.37 -4.19
CA LEU A 66 12.35 7.45 -5.52
C LEU A 66 13.09 8.36 -6.52
N PRO A 67 13.45 9.59 -6.15
CA PRO A 67 14.24 10.44 -7.06
C PRO A 67 15.48 9.77 -7.65
N ILE A 68 16.29 9.11 -6.82
CA ILE A 68 17.52 8.48 -7.27
C ILE A 68 17.28 7.27 -8.16
N ILE A 69 16.19 6.54 -7.92
CA ILE A 69 15.80 5.46 -8.80
C ILE A 69 15.49 5.97 -10.21
N THR A 70 14.62 6.97 -10.30
CA THR A 70 14.18 7.45 -11.61
C THR A 70 15.35 8.04 -12.37
N GLU A 71 16.11 8.91 -11.70
CA GLU A 71 17.34 9.48 -12.27
C GLU A 71 18.24 8.38 -12.85
N TRP A 72 18.46 7.30 -12.08
CA TRP A 72 19.31 6.20 -12.53
C TRP A 72 18.72 5.45 -13.73
N LEU A 73 17.43 5.16 -13.65
CA LEU A 73 16.73 4.51 -14.76
C LEU A 73 16.86 5.34 -16.03
N ASP A 74 16.58 6.64 -15.95
CA ASP A 74 16.74 7.58 -17.09
C ASP A 74 18.16 7.63 -17.67
N LYS A 75 19.15 7.74 -16.77
CA LYS A 75 20.56 7.78 -17.14
C LYS A 75 20.93 6.57 -18.00
N HIS A 76 20.41 5.40 -17.63
CA HIS A 76 20.80 4.16 -18.27
C HIS A 76 19.82 3.66 -19.32
N GLN A 77 18.86 4.50 -19.69
CA GLN A 77 17.91 4.21 -20.78
C GLN A 77 17.16 2.92 -20.50
N VAL A 78 16.71 2.76 -19.25
CA VAL A 78 15.90 1.60 -18.88
C VAL A 78 14.44 1.96 -19.14
N PRO A 79 13.76 1.18 -19.98
CA PRO A 79 12.35 1.44 -20.25
C PRO A 79 11.55 1.03 -19.02
N TYR A 80 10.53 1.81 -18.69
CA TYR A 80 9.65 1.50 -17.57
C TYR A 80 8.36 2.26 -17.76
N ASP A 81 7.25 1.59 -17.44
CA ASP A 81 5.92 2.19 -17.42
C ASP A 81 5.42 2.47 -16.01
N GLU A 82 5.95 1.77 -15.02
CA GLU A 82 5.57 2.00 -13.61
C GLU A 82 6.76 1.83 -12.70
N ILE A 83 6.78 2.56 -11.58
CA ILE A 83 7.67 2.24 -10.48
C ILE A 83 6.86 2.03 -9.21
N LEU A 84 7.21 0.98 -8.46
CA LEU A 84 6.52 0.58 -7.27
C LEU A 84 7.57 0.39 -6.19
N VAL A 85 7.43 1.11 -5.08
CA VAL A 85 8.36 0.95 -3.96
C VAL A 85 7.59 0.25 -2.85
N GLY A 86 8.26 -0.13 -1.77
CA GLY A 86 7.59 -0.74 -0.63
C GLY A 86 7.39 -2.25 -0.75
N LYS A 87 8.11 -2.88 -1.67
CA LYS A 87 8.16 -4.33 -1.77
C LYS A 87 8.65 -4.87 -0.43
N PRO A 88 8.07 -5.99 0.04
CA PRO A 88 8.54 -6.66 1.26
C PRO A 88 10.03 -7.01 1.15
N TRP A 89 10.79 -6.65 2.18
CA TRP A 89 12.23 -6.99 2.26
C TRP A 89 12.39 -8.36 2.90
N CYS A 90 13.06 -9.27 2.19
CA CYS A 90 13.32 -10.62 2.67
C CYS A 90 14.50 -10.82 3.65
N GLY A 91 15.29 -9.79 3.92
CA GLY A 91 16.46 -9.92 4.78
C GLY A 91 17.64 -10.48 4.00
N HIS A 92 18.83 -10.53 4.61
CA HIS A 92 20.02 -11.06 3.90
C HIS A 92 19.81 -12.48 3.37
N ASP A 93 19.26 -13.36 4.21
CA ASP A 93 19.19 -14.78 3.89
C ASP A 93 17.85 -15.21 3.28
N GLY A 94 16.92 -14.28 3.12
CA GLY A 94 15.61 -14.60 2.60
C GLY A 94 15.54 -14.73 1.09
N PHE A 95 14.36 -15.11 0.58
CA PHE A 95 14.13 -15.15 -0.87
C PHE A 95 12.65 -15.27 -1.23
N TYR A 96 12.36 -15.10 -2.50
CA TYR A 96 11.00 -15.14 -2.99
C TYR A 96 10.73 -16.50 -3.61
N ILE A 97 9.51 -17.02 -3.40
CA ILE A 97 9.05 -18.26 -4.06
C ILE A 97 7.80 -17.96 -4.90
N ASP A 98 7.85 -18.33 -6.19
CA ASP A 98 6.83 -17.94 -7.17
C ASP A 98 6.91 -18.86 -8.40
N ASP A 99 5.77 -19.40 -8.83
CA ASP A 99 5.73 -20.25 -10.03
C ASP A 99 5.98 -19.52 -11.34
N ARG A 100 5.85 -18.19 -11.34
CA ARG A 100 6.15 -17.34 -12.50
C ARG A 100 7.42 -16.51 -12.30
N ALA A 101 8.38 -17.00 -11.52
CA ALA A 101 9.57 -16.21 -11.32
C ALA A 101 10.75 -16.72 -12.12
N VAL A 102 11.47 -15.80 -12.77
CA VAL A 102 12.75 -16.12 -13.36
C VAL A 102 13.86 -15.25 -12.79
N ARG A 103 15.05 -15.83 -12.68
CA ARG A 103 16.22 -15.09 -12.28
C ARG A 103 16.78 -14.28 -13.46
N PRO A 104 17.46 -13.15 -13.20
CA PRO A 104 17.91 -12.27 -14.29
C PRO A 104 18.84 -12.96 -15.28
N SER A 105 19.60 -13.98 -14.85
CA SER A 105 20.44 -14.74 -15.78
C SER A 105 19.61 -15.62 -16.70
N GLU A 106 18.53 -16.19 -16.20
CA GLU A 106 17.62 -16.95 -17.07
C GLU A 106 16.91 -16.03 -18.08
N PHE A 107 16.48 -14.85 -17.62
CA PHE A 107 15.77 -13.89 -18.45
C PHE A 107 16.62 -13.37 -19.60
N ALA A 108 17.92 -13.22 -19.34
CA ALA A 108 18.86 -12.69 -20.31
C ALA A 108 19.20 -13.71 -21.39
N SER A 109 19.18 -14.98 -21.04
CA SER A 109 19.70 -16.03 -21.92
C SER A 109 18.63 -16.90 -22.61
N MET A 110 17.37 -16.72 -22.24
CA MET A 110 16.28 -17.51 -22.84
C MET A 110 15.30 -16.63 -23.61
N ASN A 111 14.71 -17.20 -24.66
CA ASN A 111 13.61 -16.55 -25.37
C ASN A 111 12.25 -16.79 -24.70
N LEU A 112 11.22 -16.11 -25.21
CA LEU A 112 9.87 -16.20 -24.64
C LEU A 112 9.34 -17.64 -24.62
N GLU A 113 9.49 -18.35 -25.74
CA GLU A 113 9.11 -19.77 -25.81
C GLU A 113 9.77 -20.56 -24.68
N GLU A 114 11.08 -20.36 -24.51
CA GLU A 114 11.86 -21.01 -23.45
C GLU A 114 11.40 -20.64 -22.03
N ILE A 115 11.05 -19.38 -21.79
CA ILE A 115 10.55 -18.95 -20.49
C ILE A 115 9.21 -19.63 -20.22
N HIS A 116 8.36 -19.62 -21.24
CA HIS A 116 7.05 -20.27 -21.19
C HIS A 116 7.16 -21.73 -20.82
N GLN A 117 8.23 -22.39 -21.29
CA GLN A 117 8.48 -23.81 -21.02
C GLN A 117 8.84 -24.08 -19.57
N LEU A 118 9.64 -23.20 -18.95
CA LEU A 118 9.99 -23.30 -17.53
C LEU A 118 8.72 -23.33 -16.69
N PHE A 119 7.78 -22.48 -17.05
CA PHE A 119 6.54 -22.31 -16.32
C PHE A 119 5.61 -23.50 -16.51
N GLU A 120 5.46 -23.96 -17.76
CA GLU A 120 4.58 -25.08 -18.08
C GLU A 120 5.05 -26.38 -17.41
N LYS A 121 6.37 -26.56 -17.28
CA LYS A 121 6.91 -27.73 -16.61
C LYS A 121 6.63 -27.69 -15.10
N GLU A 122 6.31 -26.50 -14.58
CA GLU A 122 5.94 -26.31 -13.18
C GLU A 122 4.55 -26.84 -12.87
N LYS A 123 3.74 -27.04 -13.91
CA LYS A 123 2.31 -27.32 -13.74
C LYS A 123 2.01 -28.82 -13.71
N SER A 124 3.11 -29.61 -13.72
CA SER A 124 2.97 -31.07 -13.72
C SER A 124 4.34 -31.75 -13.53
N MET B 1 5.47 10.26 20.45
CA MET B 1 5.38 10.49 18.97
C MET B 1 4.03 11.10 18.59
N LYS B 2 4.09 12.19 17.83
CA LYS B 2 2.90 12.94 17.43
C LYS B 2 3.06 13.42 15.99
N LYS B 3 2.00 13.25 15.22
CA LYS B 3 2.00 13.48 13.79
C LYS B 3 0.84 14.36 13.36
N LEU B 4 1.10 15.26 12.42
CA LEU B 4 0.07 15.90 11.64
C LEU B 4 -0.01 15.19 10.31
N ILE B 5 -1.19 14.67 9.99
CA ILE B 5 -1.46 14.12 8.66
C ILE B 5 -2.19 15.19 7.89
N VAL B 6 -1.48 15.74 6.90
CA VAL B 6 -1.93 16.94 6.20
C VAL B 6 -2.24 16.63 4.74
N ASP B 7 -3.44 17.01 4.30
CA ASP B 7 -3.82 16.92 2.90
C ASP B 7 -3.11 18.02 2.11
N LEU B 8 -3.00 17.86 0.80
CA LEU B 8 -2.24 18.80 -0.01
C LEU B 8 -3.10 19.85 -0.70
N ASP B 9 -3.86 19.44 -1.71
CA ASP B 9 -4.73 20.35 -2.47
C ASP B 9 -5.91 20.89 -1.64
N GLY B 10 -6.16 22.19 -1.73
CA GLY B 10 -7.20 22.85 -0.96
C GLY B 10 -6.83 23.04 0.50
N THR B 11 -5.74 22.43 0.96
CA THR B 11 -5.29 22.56 2.35
C THR B 11 -4.00 23.38 2.42
N LEU B 12 -2.97 22.90 1.72
CA LEU B 12 -1.72 23.64 1.61
C LEU B 12 -1.73 24.55 0.37
N THR B 13 -2.61 24.25 -0.58
CA THR B 13 -2.78 25.06 -1.80
C THR B 13 -4.16 25.71 -1.86
N GLN B 14 -4.27 26.77 -2.64
CA GLN B 14 -5.53 27.47 -2.83
C GLN B 14 -6.43 26.79 -3.86
N ALA B 15 -5.93 25.73 -4.50
CA ALA B 15 -6.64 24.96 -5.52
C ALA B 15 -7.26 25.85 -6.62
N ASN B 16 -6.51 26.85 -7.06
CA ASN B 16 -6.98 27.84 -8.02
C ASN B 16 -6.76 27.47 -9.49
N THR B 17 -5.91 26.48 -9.73
CA THR B 17 -5.56 26.08 -11.08
C THR B 17 -5.21 24.59 -11.08
N SER B 18 -5.46 23.90 -12.20
CA SER B 18 -5.17 22.46 -12.31
C SER B 18 -3.68 22.23 -12.58
N ASP B 19 -2.97 23.33 -12.87
CA ASP B 19 -1.52 23.35 -12.99
C ASP B 19 -0.85 23.31 -11.61
N TYR B 20 -0.62 22.09 -11.12
CA TYR B 20 -0.06 21.87 -9.79
C TYR B 20 1.30 22.54 -9.54
N ARG B 21 2.10 22.68 -10.58
CA ARG B 21 3.40 23.31 -10.49
C ARG B 21 3.31 24.79 -10.08
N ASN B 22 2.24 25.47 -10.51
CA ASN B 22 2.07 26.90 -10.25
C ASN B 22 0.88 27.28 -9.34
N VAL B 23 0.33 26.29 -8.64
CA VAL B 23 -0.80 26.51 -7.74
C VAL B 23 -0.39 27.36 -6.52
N LEU B 24 -1.24 28.29 -6.12
CA LEU B 24 -0.93 29.25 -5.06
C LEU B 24 -0.87 28.57 -3.68
N PRO B 25 0.09 28.96 -2.84
CA PRO B 25 0.14 28.42 -1.47
C PRO B 25 -0.89 29.09 -0.53
N ARG B 26 -1.37 28.33 0.45
CA ARG B 26 -2.13 28.91 1.57
C ARG B 26 -1.12 29.21 2.66
N LEU B 27 -0.66 30.47 2.66
CA LEU B 27 0.49 30.89 3.46
C LEU B 27 0.28 30.77 4.97
N ASP B 28 -0.93 31.09 5.41
CA ASP B 28 -1.29 31.00 6.82
C ASP B 28 -1.24 29.56 7.33
N VAL B 29 -1.76 28.63 6.52
CA VAL B 29 -1.75 27.20 6.87
C VAL B 29 -0.32 26.67 6.94
N ILE B 30 0.49 26.99 5.93
CA ILE B 30 1.89 26.57 5.92
C ILE B 30 2.65 27.10 7.13
N GLU B 31 2.44 28.36 7.46
CA GLU B 31 3.13 28.99 8.59
C GLU B 31 2.75 28.30 9.92
N GLN B 32 1.49 27.90 10.05
CA GLN B 32 1.04 27.15 11.22
C GLN B 32 1.74 25.77 11.30
N LEU B 33 1.91 25.12 10.13
CA LEU B 33 2.67 23.87 10.05
C LEU B 33 4.08 24.02 10.64
N ARG B 34 4.72 25.15 10.36
CA ARG B 34 6.05 25.46 10.88
C ARG B 34 6.07 25.53 12.42
N GLU B 35 5.06 26.17 13.02
CA GLU B 35 4.97 26.26 14.47
C GLU B 35 4.78 24.88 15.08
N TYR B 36 3.93 24.05 14.47
CA TYR B 36 3.71 22.69 14.97
C TYR B 36 4.99 21.86 14.83
N HIS B 37 5.70 22.06 13.72
CA HIS B 37 7.02 21.45 13.53
C HIS B 37 8.02 21.82 14.66
N GLN B 38 7.96 23.06 15.15
CA GLN B 38 8.83 23.51 16.25
C GLN B 38 8.50 22.82 17.58
N LEU B 39 7.23 22.46 17.75
CA LEU B 39 6.72 21.79 18.96
C LEU B 39 6.96 20.27 18.98
N GLY B 40 7.60 19.75 17.92
CA GLY B 40 7.93 18.33 17.86
C GLY B 40 6.97 17.46 17.06
N PHE B 41 6.01 18.08 16.37
CA PHE B 41 5.09 17.35 15.49
C PHE B 41 5.78 16.96 14.20
N GLU B 42 5.82 15.65 13.92
CA GLU B 42 6.16 15.17 12.58
C GLU B 42 5.08 15.59 11.62
N ILE B 43 5.46 15.88 10.38
CA ILE B 43 4.53 16.31 9.34
C ILE B 43 4.46 15.32 8.15
N VAL B 44 3.27 14.77 7.94
CA VAL B 44 3.05 13.80 6.88
C VAL B 44 2.10 14.41 5.86
N ILE B 45 2.61 14.71 4.66
CA ILE B 45 1.75 15.11 3.56
C ILE B 45 1.15 13.85 3.01
N SER B 46 -0.19 13.77 2.99
CA SER B 46 -0.92 12.63 2.46
C SER B 46 -1.89 13.12 1.39
N THR B 47 -1.89 12.51 0.21
CA THR B 47 -2.70 13.05 -0.89
C THR B 47 -3.23 12.01 -1.87
N ALA B 48 -4.45 12.27 -2.35
CA ALA B 48 -5.10 11.50 -3.42
C ALA B 48 -4.81 12.08 -4.82
N ARG B 49 -3.90 13.05 -4.90
CA ARG B 49 -3.55 13.72 -6.15
C ARG B 49 -3.24 12.71 -7.26
N ASN B 50 -3.89 12.92 -8.40
CA ASN B 50 -3.75 12.07 -9.58
C ASN B 50 -4.29 10.63 -9.46
N MET B 51 -5.02 10.32 -8.37
CA MET B 51 -5.70 9.03 -8.26
C MET B 51 -6.82 8.89 -9.29
N ARG B 52 -7.48 10.00 -9.59
CA ARG B 52 -8.51 9.99 -10.61
C ARG B 52 -7.91 9.75 -11.99
N THR B 53 -6.95 10.59 -12.38
CA THR B 53 -6.26 10.47 -13.67
C THR B 53 -5.73 9.05 -13.95
N TYR B 54 -5.03 8.46 -12.98
CA TYR B 54 -4.41 7.17 -13.24
C TYR B 54 -5.24 5.98 -12.79
N GLU B 55 -6.47 6.26 -12.36
CA GLU B 55 -7.41 5.23 -11.94
C GLU B 55 -6.81 4.36 -10.85
N GLY B 56 -6.24 5.01 -9.83
CA GLY B 56 -5.71 4.32 -8.67
C GLY B 56 -4.34 3.69 -8.86
N ASN B 57 -3.72 3.85 -10.03
CA ASN B 57 -2.42 3.25 -10.34
C ASN B 57 -1.24 4.05 -9.75
N VAL B 58 -0.80 3.62 -8.56
CA VAL B 58 0.33 4.21 -7.85
C VAL B 58 1.65 4.13 -8.64
N GLY B 59 1.84 3.09 -9.43
CA GLY B 59 3.02 2.97 -10.27
C GLY B 59 3.24 4.18 -11.17
N LYS B 60 2.13 4.77 -11.63
CA LYS B 60 2.13 5.99 -12.43
C LYS B 60 2.26 7.24 -11.58
N ILE B 61 1.56 7.30 -10.45
CA ILE B 61 1.65 8.43 -9.54
C ILE B 61 3.09 8.67 -9.06
N ASN B 62 3.81 7.59 -8.74
CA ASN B 62 5.22 7.68 -8.35
C ASN B 62 6.06 8.35 -9.46
N ILE B 63 5.65 8.20 -10.72
CA ILE B 63 6.44 8.71 -11.84
C ILE B 63 6.07 10.16 -12.15
N HIS B 64 4.78 10.42 -12.36
CA HIS B 64 4.33 11.68 -12.90
C HIS B 64 3.87 12.68 -11.84
N THR B 65 3.64 12.21 -10.62
CA THR B 65 3.01 13.06 -9.61
C THR B 65 3.95 13.50 -8.50
N LEU B 66 4.75 12.59 -8.00
CA LEU B 66 5.58 12.84 -6.83
C LEU B 66 6.63 13.96 -7.03
N PRO B 67 7.38 13.95 -8.14
CA PRO B 67 8.37 15.02 -8.39
C PRO B 67 7.79 16.42 -8.30
N ILE B 68 6.59 16.61 -8.84
CA ILE B 68 5.96 17.93 -8.83
C ILE B 68 5.48 18.35 -7.43
N ILE B 69 4.99 17.38 -6.64
CA ILE B 69 4.62 17.62 -5.26
C ILE B 69 5.84 18.12 -4.47
N THR B 70 6.95 17.41 -4.64
CA THR B 70 8.18 17.65 -3.92
C THR B 70 8.78 19.02 -4.26
N GLU B 71 8.90 19.32 -5.56
CA GLU B 71 9.45 20.59 -6.00
C GLU B 71 8.63 21.77 -5.45
N TRP B 72 7.31 21.62 -5.44
CA TRP B 72 6.42 22.65 -4.93
C TRP B 72 6.53 22.80 -3.40
N LEU B 73 6.61 21.70 -2.68
CA LEU B 73 6.73 21.76 -1.23
C LEU B 73 8.02 22.48 -0.84
N ASP B 74 9.11 22.10 -1.51
CA ASP B 74 10.42 22.67 -1.33
C ASP B 74 10.41 24.16 -1.65
N LYS B 75 9.77 24.52 -2.76
CA LYS B 75 9.77 25.90 -3.25
C LYS B 75 9.10 26.84 -2.24
N HIS B 76 8.02 26.38 -1.62
CA HIS B 76 7.26 27.20 -0.68
C HIS B 76 7.69 26.99 0.76
N GLN B 77 8.85 26.36 0.93
CA GLN B 77 9.51 26.13 2.23
C GLN B 77 8.57 25.46 3.24
N VAL B 78 7.98 24.35 2.82
CA VAL B 78 7.04 23.61 3.66
C VAL B 78 7.80 22.50 4.41
N PRO B 79 7.72 22.50 5.73
CA PRO B 79 8.33 21.41 6.51
C PRO B 79 7.55 20.11 6.25
N TYR B 80 8.27 19.02 6.00
CA TYR B 80 7.65 17.69 5.91
C TYR B 80 8.66 16.60 6.28
N ASP B 81 8.17 15.52 6.87
CA ASP B 81 9.02 14.38 7.14
C ASP B 81 8.66 13.19 6.28
N GLU B 82 7.46 13.23 5.69
CA GLU B 82 6.92 12.11 4.91
C GLU B 82 5.98 12.59 3.81
N ILE B 83 6.06 11.99 2.63
CA ILE B 83 4.96 12.11 1.68
C ILE B 83 4.34 10.75 1.41
N LEU B 84 3.01 10.71 1.48
CA LEU B 84 2.25 9.51 1.18
C LEU B 84 1.37 9.83 0.00
N VAL B 85 1.43 9.01 -1.03
CA VAL B 85 0.48 9.13 -2.14
C VAL B 85 -0.47 7.95 -2.14
N GLY B 86 -1.39 7.90 -3.09
CA GLY B 86 -2.26 6.77 -3.24
C GLY B 86 -3.41 6.74 -2.24
N LYS B 87 -3.64 7.87 -1.58
CA LYS B 87 -4.75 8.05 -0.67
C LYS B 87 -6.08 7.90 -1.42
N PRO B 88 -7.08 7.26 -0.81
CA PRO B 88 -8.38 7.06 -1.47
C PRO B 88 -9.08 8.37 -1.84
N TRP B 89 -9.54 8.43 -3.09
CA TRP B 89 -10.20 9.59 -3.69
C TRP B 89 -11.70 9.56 -3.41
N CYS B 90 -12.18 10.58 -2.69
CA CYS B 90 -13.58 10.68 -2.27
C CYS B 90 -14.55 10.99 -3.44
N GLY B 91 -14.03 11.47 -4.57
CA GLY B 91 -14.86 11.88 -5.70
C GLY B 91 -15.26 13.34 -5.56
N HIS B 92 -16.13 13.83 -6.44
CA HIS B 92 -16.55 15.24 -6.40
C HIS B 92 -17.29 15.60 -5.12
N ASP B 93 -18.38 14.89 -4.85
CA ASP B 93 -19.24 15.15 -3.70
C ASP B 93 -18.84 14.36 -2.44
N GLY B 94 -17.85 13.48 -2.54
CA GLY B 94 -17.45 12.67 -1.41
C GLY B 94 -16.72 13.44 -0.32
N PHE B 95 -16.62 12.85 0.87
CA PHE B 95 -15.83 13.46 1.93
C PHE B 95 -15.34 12.48 2.98
N TYR B 96 -14.58 13.02 3.93
CA TYR B 96 -13.89 12.25 4.94
C TYR B 96 -14.55 12.49 6.29
N ILE B 97 -14.80 11.41 7.04
CA ILE B 97 -15.35 11.50 8.39
C ILE B 97 -14.38 10.89 9.38
N ASP B 98 -13.93 11.70 10.34
CA ASP B 98 -12.89 11.31 11.28
C ASP B 98 -13.06 12.09 12.57
N ASP B 99 -12.85 11.45 13.71
CA ASP B 99 -13.04 12.15 14.99
C ASP B 99 -11.87 13.06 15.38
N ARG B 100 -10.75 12.93 14.67
CA ARG B 100 -9.56 13.76 14.88
C ARG B 100 -9.26 14.62 13.65
N ALA B 101 -10.31 15.10 12.99
CA ALA B 101 -10.15 15.85 11.75
C ALA B 101 -10.43 17.34 11.93
N VAL B 102 -9.56 18.17 11.38
CA VAL B 102 -9.82 19.60 11.32
C VAL B 102 -9.69 20.11 9.88
N ARG B 103 -10.47 21.14 9.56
CA ARG B 103 -10.40 21.77 8.28
C ARG B 103 -9.26 22.78 8.35
N PRO B 104 -8.75 23.16 7.20
CA PRO B 104 -7.48 23.85 7.18
C PRO B 104 -7.56 25.28 7.74
N SER B 105 -8.82 25.77 7.95
CA SER B 105 -9.07 27.15 8.45
C SER B 105 -9.49 27.16 9.90
N GLU B 106 -9.74 25.95 10.40
CA GLU B 106 -9.78 25.70 11.84
C GLU B 106 -8.34 25.61 12.36
N PHE B 107 -7.51 24.88 11.62
CA PHE B 107 -6.10 24.73 11.96
C PHE B 107 -5.42 26.09 11.98
N ALA B 108 -5.76 26.93 11.00
CA ALA B 108 -5.13 28.23 10.82
C ALA B 108 -5.49 29.23 11.92
N SER B 109 -6.70 29.13 12.45
CA SER B 109 -7.24 30.15 13.34
C SER B 109 -7.17 29.78 14.82
N MET B 110 -7.06 28.48 15.11
CA MET B 110 -7.05 28.00 16.49
C MET B 110 -5.63 27.69 16.96
N ASN B 111 -5.43 27.68 18.28
CA ASN B 111 -4.20 27.12 18.85
C ASN B 111 -4.38 25.65 19.26
N LEU B 112 -3.32 25.03 19.78
CA LEU B 112 -3.34 23.61 20.14
C LEU B 112 -4.43 23.31 21.20
N GLU B 113 -4.48 24.15 22.24
CA GLU B 113 -5.43 24.01 23.34
C GLU B 113 -6.87 23.85 22.85
N GLU B 114 -7.30 24.78 22.00
CA GLU B 114 -8.69 24.80 21.53
C GLU B 114 -8.99 23.73 20.50
N ILE B 115 -7.95 23.26 19.81
CA ILE B 115 -8.07 22.13 18.91
C ILE B 115 -8.30 20.85 19.71
N HIS B 116 -7.59 20.71 20.83
CA HIS B 116 -7.81 19.61 21.77
C HIS B 116 -9.22 19.68 22.34
N GLN B 117 -9.65 20.90 22.68
CA GLN B 117 -11.01 21.18 23.15
C GLN B 117 -12.03 20.72 22.10
N LEU B 118 -11.75 21.04 20.83
CA LEU B 118 -12.57 20.65 19.70
C LEU B 118 -12.75 19.13 19.59
N PHE B 119 -11.73 18.37 20.02
CA PHE B 119 -11.76 16.91 20.02
C PHE B 119 -12.41 16.28 21.25
N GLU B 120 -12.18 16.88 22.42
CA GLU B 120 -12.76 16.39 23.67
C GLU B 120 -14.28 16.55 23.69
N LYS B 121 -14.81 17.45 22.86
CA LYS B 121 -16.25 17.55 22.64
C LYS B 121 -16.79 16.32 21.90
N GLU B 122 -15.96 15.70 21.05
CA GLU B 122 -16.38 14.46 20.33
C GLU B 122 -16.31 13.16 21.17
N LYS B 123 -15.49 13.22 22.23
CA LYS B 123 -15.01 12.05 22.94
C LYS B 123 -16.07 11.55 23.92
N MET C 1 -19.50 9.15 -9.43
CA MET C 1 -18.95 8.32 -8.31
C MET C 1 -18.64 9.18 -7.09
N LYS C 2 -19.22 8.79 -5.95
CA LYS C 2 -19.09 9.57 -4.71
C LYS C 2 -18.89 8.61 -3.54
N LYS C 3 -17.94 8.96 -2.68
CA LYS C 3 -17.48 8.08 -1.62
C LYS C 3 -17.46 8.80 -0.27
N LEU C 4 -17.89 8.11 0.77
CA LEU C 4 -17.59 8.53 2.13
C LEU C 4 -16.40 7.72 2.58
N ILE C 5 -15.37 8.41 3.05
CA ILE C 5 -14.23 7.74 3.67
C ILE C 5 -14.40 7.87 5.17
N VAL C 6 -14.63 6.75 5.84
CA VAL C 6 -15.09 6.74 7.23
C VAL C 6 -14.09 6.05 8.15
N ASP C 7 -13.62 6.77 9.17
CA ASP C 7 -12.77 6.20 10.20
C ASP C 7 -13.63 5.26 11.04
N LEU C 8 -12.98 4.36 11.79
CA LEU C 8 -13.71 3.35 12.54
C LEU C 8 -13.82 3.69 14.04
N ASP C 9 -12.68 3.69 14.74
CA ASP C 9 -12.64 3.96 16.18
C ASP C 9 -12.94 5.43 16.49
N GLY C 10 -13.87 5.65 17.43
CA GLY C 10 -14.28 7.00 17.79
C GLY C 10 -15.23 7.64 16.78
N THR C 11 -15.43 7.02 15.62
CA THR C 11 -16.37 7.51 14.61
C THR C 11 -17.59 6.58 14.49
N LEU C 12 -17.33 5.30 14.26
CA LEU C 12 -18.40 4.30 14.23
C LEU C 12 -18.56 3.63 15.60
N THR C 13 -17.50 3.68 16.42
CA THR C 13 -17.51 3.13 17.78
C THR C 13 -17.42 4.23 18.83
N GLN C 14 -17.75 3.90 20.08
CA GLN C 14 -17.66 4.89 21.16
C GLN C 14 -16.28 4.92 21.81
N ALA C 15 -15.40 4.03 21.38
CA ALA C 15 -14.04 3.95 21.91
C ALA C 15 -14.01 3.79 23.43
N ASN C 16 -14.96 3.03 23.96
CA ASN C 16 -15.14 2.87 25.41
C ASN C 16 -14.28 1.77 26.02
N THR C 17 -13.75 0.88 25.17
CA THR C 17 -12.97 -0.25 25.64
C THR C 17 -11.95 -0.68 24.59
N SER C 18 -10.82 -1.21 25.05
CA SER C 18 -9.74 -1.67 24.16
C SER C 18 -10.09 -3.03 23.51
N ASP C 19 -11.18 -3.63 23.99
CA ASP C 19 -11.74 -4.85 23.44
C ASP C 19 -12.63 -4.56 22.21
N TYR C 20 -12.00 -4.52 21.03
CA TYR C 20 -12.69 -4.14 19.79
C TYR C 20 -13.90 -5.01 19.44
N ARG C 21 -13.87 -6.29 19.83
CA ARG C 21 -14.98 -7.21 19.60
C ARG C 21 -16.28 -6.70 20.23
N ASN C 22 -16.18 -6.14 21.43
CA ASN C 22 -17.34 -5.75 22.23
C ASN C 22 -17.55 -4.23 22.40
N VAL C 23 -16.85 -3.44 21.60
CA VAL C 23 -16.92 -1.98 21.69
C VAL C 23 -18.29 -1.45 21.23
N LEU C 24 -18.84 -0.48 21.97
CA LEU C 24 -20.18 0.06 21.71
C LEU C 24 -20.31 0.79 20.35
N PRO C 25 -21.41 0.59 19.63
CA PRO C 25 -21.65 1.34 18.39
C PRO C 25 -22.12 2.79 18.61
N ARG C 26 -21.66 3.70 17.75
CA ARG C 26 -22.22 5.06 17.68
C ARG C 26 -23.39 4.99 16.70
N LEU C 27 -24.57 4.74 17.25
CA LEU C 27 -25.75 4.36 16.49
C LEU C 27 -26.26 5.47 15.56
N ASP C 28 -26.19 6.71 16.02
CA ASP C 28 -26.64 7.85 15.20
C ASP C 28 -25.80 8.00 13.93
N VAL C 29 -24.48 7.90 14.09
CA VAL C 29 -23.53 7.99 12.98
C VAL C 29 -23.72 6.84 11.99
N ILE C 30 -23.89 5.62 12.52
CA ILE C 30 -24.14 4.46 11.65
C ILE C 30 -25.42 4.64 10.83
N GLU C 31 -26.48 5.13 11.46
CA GLU C 31 -27.74 5.34 10.76
C GLU C 31 -27.63 6.41 9.67
N GLN C 32 -26.87 7.48 9.93
CA GLN C 32 -26.64 8.50 8.91
C GLN C 32 -25.91 7.89 7.70
N LEU C 33 -25.01 6.95 7.97
CA LEU C 33 -24.31 6.18 6.95
C LEU C 33 -25.28 5.37 6.07
N ARG C 34 -26.34 4.85 6.69
CA ARG C 34 -27.39 4.13 5.97
C ARG C 34 -28.11 5.04 4.97
N GLU C 35 -28.42 6.27 5.40
CA GLU C 35 -29.05 7.28 4.53
C GLU C 35 -28.16 7.61 3.33
N TYR C 36 -26.89 7.89 3.59
CA TYR C 36 -25.94 8.21 2.53
C TYR C 36 -25.76 7.06 1.53
N HIS C 37 -25.77 5.82 2.01
CA HIS C 37 -25.75 4.63 1.16
C HIS C 37 -26.96 4.61 0.21
N GLN C 38 -28.14 5.01 0.70
CA GLN C 38 -29.36 5.06 -0.10
C GLN C 38 -29.27 6.14 -1.19
N LEU C 39 -28.54 7.22 -0.88
CA LEU C 39 -28.33 8.34 -1.79
C LEU C 39 -27.26 8.06 -2.85
N GLY C 40 -26.69 6.86 -2.84
CA GLY C 40 -25.74 6.43 -3.85
C GLY C 40 -24.27 6.53 -3.48
N PHE C 41 -23.98 6.80 -2.21
CA PHE C 41 -22.61 6.92 -1.71
C PHE C 41 -22.00 5.57 -1.42
N GLU C 42 -20.85 5.29 -2.03
CA GLU C 42 -20.03 4.16 -1.63
C GLU C 42 -19.45 4.45 -0.24
N ILE C 43 -19.39 3.42 0.60
CA ILE C 43 -18.88 3.54 1.96
C ILE C 43 -17.55 2.82 2.13
N VAL C 44 -16.50 3.58 2.44
CA VAL C 44 -15.18 3.03 2.62
C VAL C 44 -14.71 3.22 4.08
N ILE C 45 -14.62 2.11 4.82
CA ILE C 45 -14.07 2.15 6.17
C ILE C 45 -12.56 2.16 6.05
N SER C 46 -11.93 3.23 6.53
CA SER C 46 -10.48 3.40 6.51
C SER C 46 -9.96 3.51 7.95
N THR C 47 -8.96 2.69 8.33
CA THR C 47 -8.58 2.69 9.74
C THR C 47 -7.10 2.40 10.01
N ALA C 48 -6.60 2.99 11.09
CA ALA C 48 -5.23 2.82 11.57
C ALA C 48 -5.13 1.81 12.72
N ARG C 49 -6.24 1.12 12.97
CA ARG C 49 -6.34 0.12 14.03
C ARG C 49 -5.19 -0.89 13.98
N ASN C 50 -4.57 -1.08 15.15
CA ASN C 50 -3.42 -1.96 15.32
C ASN C 50 -2.15 -1.56 14.56
N MET C 51 -2.13 -0.36 13.97
CA MET C 51 -0.88 0.16 13.41
C MET C 51 0.17 0.38 14.49
N ARG C 52 -0.29 0.81 15.67
CA ARG C 52 0.60 1.02 16.79
C ARG C 52 1.20 -0.32 17.27
N THR C 53 0.33 -1.24 17.70
CA THR C 53 0.71 -2.60 18.13
C THR C 53 1.68 -3.32 17.17
N TYR C 54 1.35 -3.38 15.88
CA TYR C 54 2.21 -4.11 14.95
C TYR C 54 3.29 -3.25 14.29
N GLU C 55 3.38 -2.00 14.72
CA GLU C 55 4.40 -1.05 14.23
C GLU C 55 4.34 -0.93 12.71
N GLY C 56 3.15 -0.69 12.17
CA GLY C 56 2.97 -0.48 10.75
C GLY C 56 2.97 -1.73 9.86
N ASN C 57 3.03 -2.91 10.48
CA ASN C 57 3.08 -4.17 9.74
C ASN C 57 1.67 -4.64 9.33
N VAL C 58 1.22 -4.26 8.14
CA VAL C 58 -0.09 -4.71 7.63
C VAL C 58 -0.17 -6.23 7.41
N GLY C 59 0.97 -6.88 7.25
CA GLY C 59 1.00 -8.33 7.14
C GLY C 59 0.35 -8.99 8.34
N LYS C 60 0.57 -8.39 9.49
CA LYS C 60 0.00 -8.82 10.76
C LYS C 60 -1.42 -8.26 11.01
N ILE C 61 -1.67 -7.02 10.59
CA ILE C 61 -3.00 -6.44 10.70
C ILE C 61 -4.01 -7.28 9.89
N ASN C 62 -3.61 -7.72 8.69
CA ASN C 62 -4.42 -8.63 7.89
C ASN C 62 -4.79 -9.92 8.62
N ILE C 63 -3.97 -10.38 9.56
CA ILE C 63 -4.27 -11.64 10.22
C ILE C 63 -5.12 -11.42 11.46
N HIS C 64 -4.70 -10.49 12.29
CA HIS C 64 -5.20 -10.39 13.64
C HIS C 64 -6.24 -9.27 13.80
N THR C 65 -6.30 -8.35 12.84
CA THR C 65 -7.15 -7.17 12.98
C THR C 65 -8.39 -7.19 12.09
N LEU C 66 -8.24 -7.61 10.85
CA LEU C 66 -9.31 -7.52 9.87
C LEU C 66 -10.56 -8.35 10.20
N PRO C 67 -10.39 -9.63 10.57
CA PRO C 67 -11.57 -10.45 10.92
C PRO C 67 -12.45 -9.81 11.97
N ILE C 68 -11.86 -9.26 13.03
CA ILE C 68 -12.63 -8.65 14.09
C ILE C 68 -13.34 -7.37 13.61
N ILE C 69 -12.69 -6.62 12.73
CA ILE C 69 -13.33 -5.47 12.12
C ILE C 69 -14.60 -5.89 11.38
N THR C 70 -14.52 -6.91 10.52
CA THR C 70 -15.70 -7.24 9.69
C THR C 70 -16.80 -7.86 10.51
N GLU C 71 -16.44 -8.78 11.41
CA GLU C 71 -17.43 -9.40 12.31
C GLU C 71 -18.23 -8.32 13.04
N TRP C 72 -17.52 -7.33 13.60
CA TRP C 72 -18.15 -6.21 14.27
C TRP C 72 -19.06 -5.40 13.36
N LEU C 73 -18.56 -5.07 12.16
CA LEU C 73 -19.32 -4.25 11.22
C LEU C 73 -20.60 -4.98 10.82
N ASP C 74 -20.48 -6.29 10.58
CA ASP C 74 -21.59 -7.13 10.21
C ASP C 74 -22.67 -7.21 11.30
N LYS C 75 -22.26 -7.36 12.56
CA LYS C 75 -23.24 -7.54 13.63
C LYS C 75 -24.03 -6.26 13.94
N HIS C 76 -23.40 -5.10 13.73
CA HIS C 76 -24.05 -3.80 13.92
C HIS C 76 -24.64 -3.25 12.61
N GLN C 77 -24.66 -4.14 11.61
CA GLN C 77 -25.26 -3.89 10.30
C GLN C 77 -24.82 -2.59 9.65
N VAL C 78 -23.50 -2.41 9.58
CA VAL C 78 -22.96 -1.22 8.96
C VAL C 78 -22.82 -1.49 7.47
N PRO C 79 -23.36 -0.60 6.64
CA PRO C 79 -23.13 -0.69 5.21
C PRO C 79 -21.66 -0.33 4.92
N TYR C 80 -21.02 -1.09 4.03
CA TYR C 80 -19.67 -0.78 3.59
C TYR C 80 -19.43 -1.49 2.26
N ASP C 81 -18.69 -0.84 1.38
CA ASP C 81 -18.32 -1.46 0.13
C ASP C 81 -16.85 -1.83 0.12
N GLU C 82 -16.08 -1.17 1.00
CA GLU C 82 -14.63 -1.37 1.10
C GLU C 82 -14.13 -1.25 2.56
N ILE C 83 -13.16 -2.09 2.93
CA ILE C 83 -12.36 -1.80 4.11
C ILE C 83 -10.89 -1.62 3.71
N LEU C 84 -10.28 -0.58 4.28
CA LEU C 84 -8.90 -0.23 4.03
C LEU C 84 -8.22 -0.20 5.39
N VAL C 85 -7.18 -1.01 5.56
CA VAL C 85 -6.37 -0.89 6.77
C VAL C 85 -5.05 -0.23 6.45
N GLY C 86 -4.21 -0.02 7.45
CA GLY C 86 -2.88 0.48 7.22
C GLY C 86 -2.80 1.99 7.10
N LYS C 87 -3.87 2.66 7.51
CA LYS C 87 -3.90 4.13 7.60
C LYS C 87 -2.79 4.63 8.56
N PRO C 88 -2.15 5.76 8.25
CA PRO C 88 -1.12 6.34 9.13
C PRO C 88 -1.66 6.63 10.55
N TRP C 89 -0.92 6.22 11.56
CA TRP C 89 -1.28 6.48 12.95
C TRP C 89 -0.75 7.86 13.36
N CYS C 90 -1.66 8.74 13.76
CA CYS C 90 -1.29 10.12 14.15
C CYS C 90 -0.65 10.21 15.55
N GLY C 91 -0.74 9.16 16.35
CA GLY C 91 -0.25 9.19 17.73
C GLY C 91 -1.31 9.74 18.66
N HIS C 92 -0.99 9.88 19.95
CA HIS C 92 -1.98 10.38 20.91
C HIS C 92 -2.42 11.81 20.60
N ASP C 93 -1.46 12.72 20.54
CA ASP C 93 -1.74 14.14 20.33
C ASP C 93 -1.88 14.54 18.84
N GLY C 94 -1.64 13.62 17.93
CA GLY C 94 -1.70 13.96 16.52
C GLY C 94 -3.11 14.11 15.98
N PHE C 95 -3.23 14.69 14.79
CA PHE C 95 -4.53 14.81 14.14
C PHE C 95 -4.43 14.99 12.62
N TYR C 96 -5.60 15.11 11.99
CA TYR C 96 -5.74 15.09 10.55
C TYR C 96 -6.25 16.44 10.07
N ILE C 97 -5.69 16.93 8.96
CA ILE C 97 -6.10 18.22 8.37
C ILE C 97 -6.49 18.00 6.91
N ASP C 98 -7.74 18.33 6.59
CA ASP C 98 -8.31 18.05 5.26
C ASP C 98 -9.45 19.05 5.01
N ASP C 99 -9.45 19.67 3.84
CA ASP C 99 -10.49 20.66 3.52
C ASP C 99 -11.88 20.04 3.33
N ARG C 100 -11.92 18.71 3.20
CA ARG C 100 -13.15 17.95 3.03
C ARG C 100 -13.41 16.99 4.21
N ALA C 101 -13.06 17.42 5.41
CA ALA C 101 -13.17 16.58 6.58
C ALA C 101 -14.28 17.01 7.54
N VAL C 102 -15.13 16.07 7.96
CA VAL C 102 -16.07 16.31 9.04
C VAL C 102 -15.87 15.34 10.20
N ARG C 103 -16.12 15.84 11.41
CA ARG C 103 -16.08 15.07 12.63
C ARG C 103 -17.43 14.40 12.82
N PRO C 104 -17.45 13.22 13.44
CA PRO C 104 -18.67 12.40 13.57
C PRO C 104 -19.91 13.16 14.06
N SER C 105 -19.77 14.08 15.01
CA SER C 105 -20.93 14.84 15.50
C SER C 105 -21.48 15.81 14.44
N GLU C 106 -20.62 16.33 13.56
CA GLU C 106 -21.06 17.20 12.48
C GLU C 106 -21.84 16.39 11.44
N PHE C 107 -21.33 15.21 11.11
CA PHE C 107 -21.98 14.29 10.19
C PHE C 107 -23.34 13.85 10.71
N ALA C 108 -23.40 13.54 12.00
CA ALA C 108 -24.62 13.05 12.63
C ALA C 108 -25.73 14.10 12.65
N SER C 109 -25.34 15.35 12.78
CA SER C 109 -26.27 16.44 13.08
C SER C 109 -26.67 17.28 11.87
N MET C 110 -25.84 17.31 10.83
CA MET C 110 -26.12 18.12 9.64
C MET C 110 -26.69 17.29 8.49
N ASN C 111 -27.30 17.97 7.50
CA ASN C 111 -27.68 17.30 6.26
C ASN C 111 -26.68 17.59 5.14
N LEU C 112 -26.95 17.09 3.93
CA LEU C 112 -26.01 17.22 2.82
C LEU C 112 -25.72 18.66 2.43
N GLU C 113 -26.78 19.47 2.24
CA GLU C 113 -26.63 20.90 1.92
C GLU C 113 -25.69 21.57 2.92
N GLU C 114 -25.94 21.35 4.20
CA GLU C 114 -25.18 21.94 5.31
C GLU C 114 -23.71 21.57 5.26
N ILE C 115 -23.43 20.29 5.00
CA ILE C 115 -22.06 19.78 4.89
C ILE C 115 -21.35 20.41 3.69
N HIS C 116 -22.04 20.50 2.56
CA HIS C 116 -21.54 21.18 1.36
C HIS C 116 -21.22 22.65 1.65
N GLN C 117 -22.11 23.30 2.41
CA GLN C 117 -21.93 24.70 2.84
C GLN C 117 -20.69 24.84 3.72
N LEU C 118 -20.45 23.85 4.56
CA LEU C 118 -19.26 23.76 5.41
C LEU C 118 -17.96 23.76 4.60
N PHE C 119 -18.00 23.14 3.43
CA PHE C 119 -16.86 23.02 2.54
C PHE C 119 -16.73 24.22 1.58
N GLU C 120 -17.87 24.73 1.12
CA GLU C 120 -17.92 25.89 0.23
C GLU C 120 -17.33 27.12 0.92
N LYS C 121 -17.51 27.20 2.24
CA LYS C 121 -16.87 28.23 3.06
C LYS C 121 -15.34 28.18 3.00
N GLU C 122 -14.80 26.99 2.77
CA GLU C 122 -13.35 26.72 2.76
C GLU C 122 -12.64 27.21 1.49
N LYS C 123 -13.39 27.45 0.42
CA LYS C 123 -12.86 27.57 -0.94
C LYS C 123 -12.21 28.91 -1.32
N MET D 1 17.38 -11.58 10.91
CA MET D 1 16.00 -11.58 10.36
C MET D 1 15.99 -12.09 8.93
N LYS D 2 15.18 -13.12 8.69
CA LYS D 2 15.12 -13.78 7.40
C LYS D 2 13.70 -14.24 7.11
N LYS D 3 13.20 -13.86 5.95
CA LYS D 3 11.83 -14.18 5.54
C LYS D 3 11.82 -14.97 4.22
N LEU D 4 10.82 -15.84 4.10
CA LEU D 4 10.42 -16.36 2.82
C LEU D 4 9.18 -15.56 2.40
N ILE D 5 9.23 -15.03 1.17
CA ILE D 5 8.09 -14.37 0.54
C ILE D 5 7.49 -15.33 -0.49
N VAL D 6 6.30 -15.85 -0.17
CA VAL D 6 5.72 -16.99 -0.89
C VAL D 6 4.44 -16.63 -1.61
N ASP D 7 4.42 -16.85 -2.92
CA ASP D 7 3.20 -16.68 -3.70
C ASP D 7 2.16 -17.72 -3.26
N LEU D 8 0.88 -17.48 -3.56
CA LEU D 8 -0.14 -18.42 -3.11
C LEU D 8 -0.58 -19.38 -4.21
N ASP D 9 -1.25 -18.86 -5.25
CA ASP D 9 -1.81 -19.67 -6.33
C ASP D 9 -0.75 -20.22 -7.28
N GLY D 10 -0.69 -21.55 -7.42
CA GLY D 10 0.29 -22.15 -8.30
C GLY D 10 1.56 -22.52 -7.57
N THR D 11 1.74 -21.94 -6.37
CA THR D 11 2.93 -22.17 -5.57
C THR D 11 2.59 -23.07 -4.40
N LEU D 12 1.58 -22.68 -3.62
CA LEU D 12 1.10 -23.49 -2.52
C LEU D 12 -0.12 -24.31 -2.91
N THR D 13 -0.71 -23.95 -4.06
CA THR D 13 -1.89 -24.63 -4.61
C THR D 13 -1.56 -25.25 -5.97
N GLN D 14 -2.32 -26.28 -6.34
CA GLN D 14 -2.22 -26.93 -7.63
C GLN D 14 -3.00 -26.20 -8.74
N ALA D 15 -3.71 -25.14 -8.35
CA ALA D 15 -4.47 -24.32 -9.30
C ALA D 15 -5.38 -25.14 -10.24
N ASN D 16 -6.05 -26.15 -9.69
CA ASN D 16 -6.89 -27.08 -10.45
C ASN D 16 -8.34 -26.64 -10.62
N THR D 17 -8.75 -25.64 -9.83
CA THR D 17 -10.12 -25.13 -9.84
C THR D 17 -10.19 -23.63 -9.51
N SER D 18 -11.23 -22.97 -10.03
CA SER D 18 -11.43 -21.54 -9.81
C SER D 18 -11.99 -21.28 -8.41
N ASP D 19 -12.62 -22.29 -7.81
CA ASP D 19 -13.05 -22.28 -6.41
C ASP D 19 -11.84 -22.28 -5.46
N TYR D 20 -11.42 -21.11 -4.97
CA TYR D 20 -10.27 -21.02 -4.06
C TYR D 20 -10.41 -21.79 -2.73
N ARG D 21 -11.63 -21.87 -2.20
CA ARG D 21 -11.93 -22.63 -0.99
C ARG D 21 -11.52 -24.12 -1.14
N ASN D 22 -11.60 -24.65 -2.35
CA ASN D 22 -11.43 -26.08 -2.58
C ASN D 22 -10.24 -26.49 -3.47
N VAL D 23 -9.39 -25.52 -3.77
CA VAL D 23 -8.19 -25.78 -4.55
C VAL D 23 -7.25 -26.77 -3.82
N LEU D 24 -6.66 -27.68 -4.58
CA LEU D 24 -5.75 -28.68 -4.01
C LEU D 24 -4.40 -28.09 -3.57
N PRO D 25 -3.90 -28.50 -2.41
CA PRO D 25 -2.58 -28.06 -1.92
C PRO D 25 -1.40 -28.73 -2.67
N ARG D 26 -0.28 -28.02 -2.82
CA ARG D 26 0.98 -28.68 -3.23
C ARG D 26 1.68 -29.13 -1.94
N LEU D 27 1.49 -30.39 -1.57
CA LEU D 27 1.94 -30.91 -0.27
C LEU D 27 3.46 -30.88 -0.07
N ASP D 28 4.21 -31.23 -1.10
CA ASP D 28 5.66 -31.18 -1.03
C ASP D 28 6.19 -29.75 -0.73
N VAL D 29 5.59 -28.75 -1.37
CA VAL D 29 6.01 -27.35 -1.19
C VAL D 29 5.72 -26.88 0.24
N ILE D 30 4.49 -27.15 0.70
CA ILE D 30 4.05 -26.81 2.06
C ILE D 30 4.93 -27.46 3.14
N GLU D 31 5.27 -28.73 2.96
CA GLU D 31 6.14 -29.45 3.90
C GLU D 31 7.52 -28.78 3.97
N GLN D 32 8.00 -28.30 2.82
CA GLN D 32 9.27 -27.59 2.81
C GLN D 32 9.21 -26.28 3.63
N LEU D 33 8.09 -25.56 3.54
CA LEU D 33 7.86 -24.36 4.37
C LEU D 33 8.03 -24.67 5.86
N ARG D 34 7.44 -25.80 6.28
CA ARG D 34 7.53 -26.27 7.68
C ARG D 34 8.99 -26.48 8.14
N GLU D 35 9.82 -27.05 7.27
CA GLU D 35 11.22 -27.27 7.60
C GLU D 35 11.96 -25.94 7.69
N TYR D 36 11.58 -24.98 6.84
CA TYR D 36 12.18 -23.64 6.88
C TYR D 36 11.76 -22.84 8.10
N HIS D 37 10.49 -22.98 8.49
CA HIS D 37 10.00 -22.42 9.74
C HIS D 37 10.83 -22.95 10.95
N GLN D 38 11.17 -24.24 10.93
CA GLN D 38 12.02 -24.85 11.95
C GLN D 38 13.42 -24.22 11.99
N LEU D 39 13.85 -23.72 10.84
CA LEU D 39 15.15 -23.06 10.71
C LEU D 39 15.15 -21.58 11.12
N GLY D 40 14.02 -21.06 11.56
CA GLY D 40 13.94 -19.67 11.98
C GLY D 40 13.38 -18.67 10.96
N PHE D 41 13.11 -19.12 9.74
CA PHE D 41 12.53 -18.26 8.69
C PHE D 41 11.10 -17.88 9.00
N GLU D 42 10.77 -16.60 8.85
CA GLU D 42 9.41 -16.12 8.89
C GLU D 42 8.77 -16.35 7.54
N ILE D 43 7.48 -16.68 7.54
CA ILE D 43 6.78 -17.01 6.30
C ILE D 43 5.75 -15.93 5.97
N VAL D 44 5.96 -15.24 4.85
CA VAL D 44 5.06 -14.19 4.40
C VAL D 44 4.37 -14.67 3.14
N ILE D 45 3.05 -14.89 3.20
CA ILE D 45 2.25 -15.19 2.02
C ILE D 45 1.92 -13.87 1.30
N SER D 46 2.32 -13.73 0.05
CA SER D 46 2.09 -12.49 -0.71
C SER D 46 1.36 -12.86 -1.96
N THR D 47 0.21 -12.26 -2.23
CA THR D 47 -0.57 -12.71 -3.37
C THR D 47 -1.32 -11.61 -4.13
N ALA D 48 -1.35 -11.78 -5.46
CA ALA D 48 -2.14 -10.95 -6.38
C ALA D 48 -3.59 -11.44 -6.55
N ARG D 49 -3.97 -12.47 -5.79
CA ARG D 49 -5.31 -13.06 -5.91
C ARG D 49 -6.42 -12.01 -5.86
N ASN D 50 -7.31 -12.06 -6.84
CA ASN D 50 -8.43 -11.12 -6.98
C ASN D 50 -8.06 -9.66 -7.33
N MET D 51 -6.81 -9.42 -7.71
CA MET D 51 -6.44 -8.11 -8.24
C MET D 51 -7.09 -7.91 -9.62
N ARG D 52 -7.23 -9.00 -10.38
CA ARG D 52 -7.88 -8.91 -11.69
C ARG D 52 -9.39 -8.64 -11.53
N THR D 53 -10.09 -9.50 -10.79
CA THR D 53 -11.51 -9.35 -10.51
C THR D 53 -11.91 -7.98 -9.99
N TYR D 54 -11.12 -7.41 -9.08
CA TYR D 54 -11.50 -6.13 -8.47
C TYR D 54 -10.77 -4.93 -9.05
N GLU D 55 -9.99 -5.14 -10.11
CA GLU D 55 -9.27 -4.07 -10.80
C GLU D 55 -8.37 -3.31 -9.81
N GLY D 56 -7.67 -4.07 -8.98
CA GLY D 56 -6.67 -3.51 -8.08
C GLY D 56 -7.23 -2.89 -6.81
N ASN D 57 -8.54 -3.00 -6.61
CA ASN D 57 -9.21 -2.50 -5.43
C ASN D 57 -8.97 -3.41 -4.19
N VAL D 58 -7.95 -3.06 -3.43
CA VAL D 58 -7.63 -3.67 -2.13
C VAL D 58 -8.79 -3.62 -1.12
N GLY D 59 -9.55 -2.52 -1.13
CA GLY D 59 -10.71 -2.39 -0.26
C GLY D 59 -11.69 -3.53 -0.41
N LYS D 60 -11.83 -4.05 -1.64
CA LYS D 60 -12.69 -5.19 -1.92
C LYS D 60 -11.98 -6.52 -1.65
N ILE D 61 -10.71 -6.62 -2.01
CA ILE D 61 -9.89 -7.79 -1.75
C ILE D 61 -9.86 -8.10 -0.24
N ASN D 62 -9.72 -7.05 0.59
CA ASN D 62 -9.75 -7.19 2.04
C ASN D 62 -11.04 -7.88 2.56
N ILE D 63 -12.14 -7.67 1.84
CA ILE D 63 -13.46 -8.18 2.24
C ILE D 63 -13.72 -9.57 1.70
N HIS D 64 -13.47 -9.78 0.42
CA HIS D 64 -13.96 -10.97 -0.26
C HIS D 64 -12.92 -12.06 -0.41
N THR D 65 -11.64 -11.68 -0.34
CA THR D 65 -10.51 -12.56 -0.65
C THR D 65 -9.78 -13.07 0.59
N LEU D 66 -9.47 -12.16 1.52
CA LEU D 66 -8.66 -12.51 2.70
C LEU D 66 -9.24 -13.64 3.54
N PRO D 67 -10.54 -13.61 3.88
CA PRO D 67 -11.15 -14.69 4.66
C PRO D 67 -10.89 -16.09 4.09
N ILE D 68 -11.03 -16.25 2.78
CA ILE D 68 -10.89 -17.54 2.13
C ILE D 68 -9.44 -18.00 2.10
N ILE D 69 -8.53 -17.06 1.88
CA ILE D 69 -7.10 -17.34 2.01
C ILE D 69 -6.79 -17.96 3.40
N THR D 70 -7.17 -17.27 4.47
CA THR D 70 -6.77 -17.71 5.79
C THR D 70 -7.42 -19.04 6.14
N GLU D 71 -8.71 -19.14 5.88
CA GLU D 71 -9.45 -20.40 6.04
C GLU D 71 -8.70 -21.56 5.34
N TRP D 72 -8.23 -21.33 4.12
CA TRP D 72 -7.56 -22.39 3.36
C TRP D 72 -6.18 -22.70 3.92
N LEU D 73 -5.44 -21.67 4.32
CA LEU D 73 -4.14 -21.85 4.91
C LEU D 73 -4.26 -22.66 6.20
N ASP D 74 -5.20 -22.29 7.06
CA ASP D 74 -5.47 -23.04 8.31
C ASP D 74 -5.86 -24.51 8.10
N LYS D 75 -6.74 -24.76 7.13
CA LYS D 75 -7.25 -26.12 6.87
C LYS D 75 -6.12 -27.05 6.44
N HIS D 76 -5.14 -26.50 5.72
CA HIS D 76 -4.04 -27.30 5.20
C HIS D 76 -2.77 -27.20 6.04
N GLN D 77 -2.88 -26.59 7.22
CA GLN D 77 -1.77 -26.45 8.17
C GLN D 77 -0.52 -25.86 7.49
N VAL D 78 -0.73 -24.80 6.71
CA VAL D 78 0.36 -24.03 6.12
C VAL D 78 0.79 -23.01 7.17
N PRO D 79 2.06 -23.03 7.58
CA PRO D 79 2.53 -22.05 8.57
C PRO D 79 2.68 -20.70 7.88
N TYR D 80 2.33 -19.63 8.58
CA TYR D 80 2.47 -18.27 8.02
C TYR D 80 2.54 -17.29 9.18
N ASP D 81 3.47 -16.34 9.07
CA ASP D 81 3.58 -15.23 10.02
C ASP D 81 2.92 -13.96 9.53
N GLU D 82 2.78 -13.82 8.21
CA GLU D 82 2.15 -12.63 7.62
C GLU D 82 1.38 -12.98 6.38
N ILE D 83 0.32 -12.24 6.10
CA ILE D 83 -0.34 -12.32 4.80
C ILE D 83 -0.42 -10.93 4.19
N LEU D 84 -0.09 -10.84 2.89
CA LEU D 84 -0.06 -9.58 2.18
C LEU D 84 -0.83 -9.75 0.89
N VAL D 85 -1.79 -8.86 0.64
CA VAL D 85 -2.53 -8.91 -0.60
C VAL D 85 -2.18 -7.66 -1.41
N GLY D 86 -2.74 -7.55 -2.61
CA GLY D 86 -2.54 -6.36 -3.41
C GLY D 86 -1.22 -6.38 -4.19
N LYS D 87 -0.68 -7.58 -4.35
CA LYS D 87 0.53 -7.78 -5.14
C LYS D 87 0.19 -7.45 -6.59
N PRO D 88 1.10 -6.75 -7.27
CA PRO D 88 0.92 -6.41 -8.69
C PRO D 88 0.67 -7.68 -9.52
N TRP D 89 -0.40 -7.67 -10.31
CA TRP D 89 -0.79 -8.81 -11.16
C TRP D 89 -0.08 -8.70 -12.51
N CYS D 90 0.73 -9.70 -12.82
CA CYS D 90 1.52 -9.73 -14.06
C CYS D 90 0.69 -9.97 -15.36
N GLY D 91 -0.53 -10.48 -15.25
CA GLY D 91 -1.36 -10.78 -16.42
C GLY D 91 -1.15 -12.22 -16.87
N HIS D 92 -1.94 -12.71 -17.82
CA HIS D 92 -1.82 -14.12 -18.27
C HIS D 92 -0.40 -14.49 -18.70
N ASP D 93 0.21 -13.62 -19.52
CA ASP D 93 1.47 -13.92 -20.18
C ASP D 93 2.66 -13.28 -19.47
N GLY D 94 2.41 -12.61 -18.35
CA GLY D 94 3.45 -11.89 -17.64
C GLY D 94 4.27 -12.73 -16.68
N PHE D 95 5.29 -12.12 -16.07
CA PHE D 95 6.10 -12.78 -15.06
C PHE D 95 7.01 -11.84 -14.26
N TYR D 96 7.61 -12.43 -13.23
CA TYR D 96 8.42 -11.72 -12.27
C TYR D 96 9.90 -12.01 -12.55
N ILE D 97 10.75 -10.99 -12.46
CA ILE D 97 12.20 -11.12 -12.59
C ILE D 97 12.86 -10.60 -11.31
N ASP D 98 13.73 -11.45 -10.74
CA ASP D 98 14.30 -11.21 -9.41
C ASP D 98 15.53 -12.10 -9.19
N ASP D 99 16.64 -11.55 -8.68
CA ASP D 99 17.85 -12.34 -8.41
C ASP D 99 17.76 -13.28 -7.22
N ARG D 100 16.75 -13.08 -6.36
CA ARG D 100 16.49 -13.97 -5.23
C ARG D 100 15.22 -14.79 -5.41
N ALA D 101 14.81 -15.05 -6.65
CA ALA D 101 13.58 -15.78 -6.90
C ALA D 101 13.84 -17.26 -7.13
N VAL D 102 13.07 -18.12 -6.46
CA VAL D 102 13.01 -19.53 -6.83
C VAL D 102 11.61 -19.98 -7.20
N ARG D 103 11.55 -20.95 -8.11
CA ARG D 103 10.30 -21.60 -8.47
C ARG D 103 9.96 -22.72 -7.47
N PRO D 104 8.67 -22.95 -7.24
CA PRO D 104 8.23 -23.91 -6.21
C PRO D 104 8.85 -25.29 -6.36
N SER D 105 9.06 -25.76 -7.58
CA SER D 105 9.75 -27.04 -7.82
C SER D 105 11.23 -27.01 -7.44
N GLU D 106 11.88 -25.86 -7.53
CA GLU D 106 13.27 -25.75 -7.08
C GLU D 106 13.31 -25.74 -5.55
N PHE D 107 12.39 -25.01 -4.93
CA PHE D 107 12.30 -24.89 -3.47
C PHE D 107 12.04 -26.21 -2.79
N ALA D 108 11.22 -27.05 -3.43
CA ALA D 108 10.82 -28.35 -2.90
C ALA D 108 11.95 -29.36 -3.06
N SER D 109 12.84 -29.09 -4.00
CA SER D 109 13.80 -30.06 -4.48
C SER D 109 15.19 -29.86 -3.87
N MET D 110 15.46 -28.65 -3.41
CA MET D 110 16.80 -28.24 -3.05
C MET D 110 16.87 -27.92 -1.57
N ASN D 111 18.03 -28.19 -0.95
CA ASN D 111 18.33 -27.69 0.39
C ASN D 111 18.83 -26.23 0.35
N LEU D 112 18.96 -25.63 1.53
CA LEU D 112 19.41 -24.24 1.68
C LEU D 112 20.80 -23.99 1.05
N GLU D 113 21.74 -24.92 1.23
CA GLU D 113 23.06 -24.82 0.62
C GLU D 113 22.96 -24.57 -0.88
N GLU D 114 22.15 -25.38 -1.58
CA GLU D 114 22.03 -25.29 -3.03
C GLU D 114 21.05 -24.24 -3.55
N ILE D 115 20.21 -23.69 -2.67
CA ILE D 115 19.46 -22.49 -3.02
C ILE D 115 20.41 -21.29 -2.95
N HIS D 116 21.26 -21.28 -1.92
CA HIS D 116 22.30 -20.27 -1.76
C HIS D 116 23.19 -20.26 -2.99
N GLN D 117 23.49 -21.45 -3.52
CA GLN D 117 24.37 -21.60 -4.69
C GLN D 117 23.78 -21.03 -5.96
N LEU D 118 22.47 -21.20 -6.15
CA LEU D 118 21.73 -20.64 -7.28
C LEU D 118 21.91 -19.12 -7.33
N PHE D 119 21.81 -18.50 -6.16
CA PHE D 119 21.89 -17.06 -6.00
C PHE D 119 23.31 -16.53 -6.17
N GLU D 120 24.29 -17.24 -5.60
CA GLU D 120 25.68 -16.83 -5.67
C GLU D 120 26.16 -16.83 -7.12
N LYS D 121 25.67 -17.79 -7.90
CA LYS D 121 25.96 -17.85 -9.33
C LYS D 121 25.50 -16.57 -10.04
N GLU D 122 24.32 -16.05 -9.68
CA GLU D 122 23.92 -14.74 -10.32
C GLU D 122 24.86 -13.58 -10.06
N LYS D 123 25.30 -13.52 -8.80
CA LYS D 123 26.11 -12.43 -8.26
C LYS D 123 27.44 -12.21 -9.01
HG HG E . 17.09 -11.07 0.56
O1 TLA F . 19.43 -0.79 4.37
O11 TLA F . 17.93 0.26 3.15
C1 TLA F . 18.86 -0.67 3.30
C2 TLA F . 19.21 -1.55 2.17
O2 TLA F . 20.47 -1.06 1.70
C3 TLA F . 18.11 -1.36 1.14
O3 TLA F . 18.60 -0.98 -0.15
C4 TLA F . 17.22 -2.59 1.10
O4 TLA F . 16.25 -2.56 1.85
O41 TLA F . 17.47 -3.63 0.29
HG HG G . -13.72 15.10 -2.80
O1 TLA H . -8.23 15.86 -6.83
O11 TLA H . -7.05 14.16 -6.06
C1 TLA H . -7.71 14.77 -7.03
C2 TLA H . -7.82 14.10 -8.38
O2 TLA H . -7.25 12.79 -8.29
C3 TLA H . -7.13 14.93 -9.46
O3 TLA H . -5.78 15.20 -9.08
C4 TLA H . -7.18 14.19 -10.77
O4 TLA H . -8.14 14.25 -11.49
O41 TLA H . -6.15 13.45 -11.14
HG HG I . -4.28 10.44 17.20
O1 TLA J . -2.46 0.38 19.88
O11 TLA J . -2.80 -0.82 18.10
C1 TLA J . -3.15 0.19 18.89
C2 TLA J . -4.34 1.06 18.57
O2 TLA J . -5.31 0.29 17.88
C3 TLA J . -3.92 2.24 17.67
O3 TLA J . -3.22 1.75 16.53
C4 TLA J . -5.11 3.05 17.19
O4 TLA J . -5.82 3.68 17.98
O41 TLA J . -5.38 3.11 15.88
HG HG K . 1.17 -14.21 -14.55
O1 TLA L . -4.03 -13.38 -9.17
O11 TLA L . -4.45 -14.95 -10.69
C1 TLA L . -4.77 -13.80 -10.05
C2 TLA L . -6.03 -13.07 -10.43
O2 TLA L . -6.12 -11.84 -9.71
C3 TLA L . -7.28 -13.94 -10.22
O3 TLA L . -7.40 -14.34 -8.85
C4 TLA L . -8.49 -13.16 -10.65
O4 TLA L . -8.87 -13.18 -11.81
O41 TLA L . -9.18 -12.45 -9.78
#